data_1VDW
#
_entry.id   1VDW
#
_cell.length_a   47.989
_cell.length_b   89.762
_cell.length_c   120.576
_cell.angle_alpha   90.00
_cell.angle_beta   90.00
_cell.angle_gamma   90.00
#
_symmetry.space_group_name_H-M   'P 21 21 21'
#
loop_
_entity.id
_entity.type
_entity.pdbx_description
1 polymer 'hypothetical protein PH1897'
2 non-polymer 1,2-ETHANEDIOL
3 water water
#
_entity_poly.entity_id   1
_entity_poly.type   'polypeptide(L)'
_entity_poly.pdbx_seq_one_letter_code
;MSVKTWRKIAIDIIRDFDHNIMPLFGNPKASETISISPSGDETKVVDKVAENIIISKFKDLGVNVVSEEIGRIDQGSDYT
VVVDPLDGSYNFINGIPFFAVSVAIFHEKDPIYAFIYEPIVERLYEGIPGKGSYLNGEKIKVRELAEKPSISFYTKGKGT
KIIDKVKRTRTLGAIALELAYLARGALDAVVDIRNYLRPTDIAAGVVIAREAGAIVKDLDGKDVEITFSATEKVNIIAAN
NEELLETILRSIEK
;
_entity_poly.pdbx_strand_id   A,B
#
loop_
_chem_comp.id
_chem_comp.type
_chem_comp.name
_chem_comp.formula
EDO non-polymer 1,2-ETHANEDIOL 'C2 H6 O2'
#
# COMPACT_ATOMS: atom_id res chain seq x y z
N SER A 2 -20.51 -28.09 -3.50
CA SER A 2 -19.67 -28.30 -2.29
C SER A 2 -18.56 -27.26 -2.22
N VAL A 3 -17.89 -27.17 -1.08
CA VAL A 3 -16.81 -26.22 -0.93
C VAL A 3 -15.73 -26.57 -1.96
N LYS A 4 -15.51 -27.86 -2.17
CA LYS A 4 -14.50 -28.33 -3.12
C LYS A 4 -14.72 -27.80 -4.54
N THR A 5 -15.97 -27.83 -5.00
CA THR A 5 -16.27 -27.35 -6.34
C THR A 5 -16.10 -25.84 -6.47
N TRP A 6 -16.36 -25.11 -5.38
CA TRP A 6 -16.21 -23.66 -5.42
C TRP A 6 -14.72 -23.29 -5.50
N ARG A 7 -13.88 -24.10 -4.87
CA ARG A 7 -12.46 -23.84 -4.89
C ARG A 7 -11.93 -24.00 -6.32
N LYS A 8 -12.52 -24.92 -7.07
CA LYS A 8 -12.13 -25.15 -8.46
C LYS A 8 -12.48 -23.89 -9.26
N ILE A 9 -13.63 -23.31 -8.96
CA ILE A 9 -14.06 -22.10 -9.63
C ILE A 9 -13.09 -20.94 -9.33
N ALA A 10 -12.59 -20.89 -8.10
CA ALA A 10 -11.65 -19.84 -7.71
C ALA A 10 -10.42 -19.91 -8.61
N ILE A 11 -9.95 -21.13 -8.88
CA ILE A 11 -8.78 -21.29 -9.74
C ILE A 11 -9.09 -20.86 -11.17
N ASP A 12 -10.28 -21.18 -11.67
CA ASP A 12 -10.63 -20.75 -13.03
C ASP A 12 -10.55 -19.23 -13.08
N ILE A 13 -11.01 -18.59 -12.01
CA ILE A 13 -10.98 -17.14 -11.93
C ILE A 13 -9.57 -16.58 -11.88
N ILE A 14 -8.69 -17.22 -11.10
CA ILE A 14 -7.30 -16.77 -11.03
C ILE A 14 -6.75 -16.77 -12.45
N ARG A 15 -6.96 -17.87 -13.16
CA ARG A 15 -6.48 -18.00 -14.53
C ARG A 15 -7.09 -16.95 -15.47
N ASP A 16 -8.40 -16.77 -15.39
CA ASP A 16 -9.06 -15.78 -16.23
C ASP A 16 -8.54 -14.37 -15.94
N PHE A 17 -8.32 -14.09 -14.65
CA PHE A 17 -7.83 -12.79 -14.24
C PHE A 17 -6.42 -12.53 -14.76
N ASP A 18 -5.51 -13.47 -14.56
CA ASP A 18 -4.15 -13.28 -15.04
C ASP A 18 -4.08 -13.13 -16.55
N HIS A 19 -4.98 -13.80 -17.26
CA HIS A 19 -4.96 -13.74 -18.71
C HIS A 19 -5.60 -12.49 -19.31
N ASN A 20 -6.70 -12.04 -18.73
CA ASN A 20 -7.41 -10.88 -19.25
C ASN A 20 -7.15 -9.56 -18.54
N ILE A 21 -6.82 -9.60 -17.26
CA ILE A 21 -6.60 -8.38 -16.50
C ILE A 21 -5.14 -8.00 -16.29
N MET A 22 -4.30 -8.92 -15.83
CA MET A 22 -2.91 -8.56 -15.58
C MET A 22 -2.15 -7.97 -16.75
N PRO A 23 -2.44 -8.40 -17.99
CA PRO A 23 -1.69 -7.80 -19.10
C PRO A 23 -1.97 -6.30 -19.19
N LEU A 24 -3.04 -5.87 -18.53
CA LEU A 24 -3.44 -4.47 -18.55
C LEU A 24 -2.71 -3.64 -17.50
N PHE A 25 -2.05 -4.31 -16.56
CA PHE A 25 -1.30 -3.60 -15.51
C PHE A 25 -0.09 -2.94 -16.17
N GLY A 26 -0.06 -1.62 -16.14
CA GLY A 26 1.03 -0.89 -16.76
C GLY A 26 0.67 -0.45 -18.17
N ASN A 27 -0.50 -0.89 -18.63
CA ASN A 27 -1.00 -0.55 -19.97
C ASN A 27 -2.00 0.60 -19.89
N PRO A 28 -1.71 1.72 -20.58
CA PRO A 28 -2.60 2.88 -20.58
C PRO A 28 -4.05 2.60 -20.95
N LYS A 29 -4.27 1.60 -21.81
CA LYS A 29 -5.61 1.23 -22.23
C LYS A 29 -6.53 0.91 -21.06
N ALA A 30 -5.95 0.35 -20.00
CA ALA A 30 -6.72 -0.03 -18.81
C ALA A 30 -7.41 1.14 -18.12
N SER A 31 -6.83 2.33 -18.21
CA SER A 31 -7.38 3.51 -17.56
C SER A 31 -8.46 4.27 -18.33
N GLU A 32 -8.68 3.88 -19.58
CA GLU A 32 -9.69 4.57 -20.40
C GLU A 32 -11.08 4.49 -19.77
N THR A 33 -11.70 5.65 -19.59
CA THR A 33 -13.03 5.71 -19.01
C THR A 33 -14.05 5.33 -20.07
N ILE A 34 -14.82 4.29 -19.76
CA ILE A 34 -15.82 3.78 -20.66
C ILE A 34 -17.11 4.50 -20.56
N SER A 35 -17.65 4.47 -19.35
CA SER A 35 -18.92 5.05 -19.12
C SER A 35 -18.92 5.78 -17.83
N ILE A 36 -19.95 6.60 -17.67
CA ILE A 36 -20.11 7.33 -16.46
C ILE A 36 -21.58 7.26 -16.12
N GLU A 42 -17.00 6.82 -12.45
CA GLU A 42 -16.33 6.49 -13.71
C GLU A 42 -15.96 5.01 -13.83
N THR A 43 -16.44 4.38 -14.88
CA THR A 43 -16.13 2.97 -15.11
C THR A 43 -15.04 2.93 -16.16
N LYS A 44 -13.96 2.21 -15.88
CA LYS A 44 -12.85 2.11 -16.81
C LYS A 44 -12.73 0.74 -17.46
N VAL A 45 -11.92 0.66 -18.52
CA VAL A 45 -11.73 -0.61 -19.23
C VAL A 45 -11.44 -1.78 -18.30
N VAL A 46 -10.45 -1.65 -17.43
CA VAL A 46 -10.11 -2.75 -16.54
C VAL A 46 -11.27 -3.20 -15.65
N ASP A 47 -12.10 -2.25 -15.20
CA ASP A 47 -13.25 -2.60 -14.36
C ASP A 47 -14.24 -3.46 -15.13
N LYS A 48 -14.52 -3.05 -16.37
CA LYS A 48 -15.46 -3.76 -17.22
C LYS A 48 -14.96 -5.14 -17.61
N VAL A 49 -13.69 -5.24 -17.94
CA VAL A 49 -13.13 -6.54 -18.30
C VAL A 49 -13.19 -7.46 -17.10
N ALA A 50 -12.85 -6.95 -15.93
CA ALA A 50 -12.88 -7.76 -14.72
C ALA A 50 -14.31 -8.22 -14.45
N GLU A 51 -15.26 -7.32 -14.67
CA GLU A 51 -16.66 -7.64 -14.45
C GLU A 51 -17.14 -8.70 -15.43
N ASN A 52 -16.79 -8.55 -16.70
CA ASN A 52 -17.21 -9.50 -17.72
C ASN A 52 -16.81 -10.92 -17.44
N ILE A 53 -15.55 -11.14 -17.10
CA ILE A 53 -15.04 -12.48 -16.84
C ILE A 53 -15.61 -13.16 -15.60
N ILE A 54 -15.75 -12.41 -14.51
CA ILE A 54 -16.23 -13.00 -13.27
C ILE A 54 -17.75 -13.09 -13.14
N ILE A 55 -18.46 -12.03 -13.51
CA ILE A 55 -19.92 -12.04 -13.40
C ILE A 55 -20.53 -13.10 -14.30
N SER A 56 -20.04 -13.20 -15.53
CA SER A 56 -20.55 -14.18 -16.47
C SER A 56 -20.34 -15.58 -15.91
N LYS A 57 -19.19 -15.79 -15.29
CA LYS A 57 -18.84 -17.08 -14.70
C LYS A 57 -19.92 -17.57 -13.74
N PHE A 58 -20.29 -16.73 -12.78
CA PHE A 58 -21.31 -17.09 -11.80
C PHE A 58 -22.73 -17.06 -12.36
N LYS A 59 -22.99 -16.15 -13.29
CA LYS A 59 -24.31 -16.07 -13.88
C LYS A 59 -24.62 -17.36 -14.63
N ASP A 60 -23.64 -17.85 -15.39
CA ASP A 60 -23.79 -19.08 -16.15
C ASP A 60 -23.97 -20.31 -15.26
N LEU A 61 -23.52 -20.21 -14.01
CA LEU A 61 -23.64 -21.33 -13.08
C LEU A 61 -25.07 -21.41 -12.53
N GLY A 62 -25.84 -20.35 -12.78
CA GLY A 62 -27.22 -20.30 -12.33
C GLY A 62 -27.43 -19.85 -10.90
N VAL A 63 -26.42 -19.25 -10.29
CA VAL A 63 -26.56 -18.78 -8.90
C VAL A 63 -26.93 -17.30 -8.87
N ASN A 64 -27.36 -16.83 -7.71
CA ASN A 64 -27.72 -15.42 -7.55
C ASN A 64 -26.40 -14.66 -7.45
N VAL A 65 -26.37 -13.45 -7.98
CA VAL A 65 -25.14 -12.66 -7.95
C VAL A 65 -25.37 -11.25 -7.47
N VAL A 66 -24.48 -10.79 -6.61
CA VAL A 66 -24.55 -9.43 -6.09
C VAL A 66 -23.21 -8.76 -6.34
N SER A 67 -23.23 -7.69 -7.12
CA SER A 67 -22.02 -6.94 -7.44
C SER A 67 -22.46 -5.47 -7.49
N GLU A 68 -21.59 -4.57 -7.06
CA GLU A 68 -21.91 -3.15 -7.02
C GLU A 68 -22.46 -2.54 -8.31
N GLU A 69 -21.78 -2.77 -9.42
CA GLU A 69 -22.21 -2.20 -10.70
C GLU A 69 -23.41 -2.87 -11.35
N ILE A 70 -23.60 -4.16 -11.12
CA ILE A 70 -24.71 -4.89 -11.70
C ILE A 70 -25.89 -5.02 -10.74
N GLY A 71 -25.65 -4.73 -9.47
CA GLY A 71 -26.71 -4.83 -8.49
C GLY A 71 -26.91 -6.25 -8.01
N ARG A 72 -28.12 -6.77 -8.16
CA ARG A 72 -28.41 -8.13 -7.73
C ARG A 72 -29.13 -8.93 -8.81
N ILE A 73 -28.51 -10.01 -9.25
CA ILE A 73 -29.08 -10.88 -10.26
C ILE A 73 -29.77 -12.04 -9.55
N ASP A 74 -31.10 -12.03 -9.54
CA ASP A 74 -31.87 -13.07 -8.90
C ASP A 74 -32.21 -14.16 -9.90
N GLN A 75 -31.71 -15.37 -9.66
CA GLN A 75 -31.99 -16.49 -10.55
C GLN A 75 -32.68 -17.61 -9.79
N GLY A 76 -33.32 -17.25 -8.67
CA GLY A 76 -34.04 -18.23 -7.88
C GLY A 76 -33.16 -19.37 -7.41
N SER A 77 -31.88 -19.10 -7.21
CA SER A 77 -30.94 -20.11 -6.76
C SER A 77 -30.86 -20.20 -5.25
N ASP A 78 -30.34 -21.31 -4.76
CA ASP A 78 -30.17 -21.53 -3.33
C ASP A 78 -28.78 -21.04 -2.91
N TYR A 79 -28.04 -20.51 -3.87
CA TYR A 79 -26.69 -19.98 -3.65
C TYR A 79 -26.59 -18.55 -4.14
N THR A 80 -25.89 -17.72 -3.38
CA THR A 80 -25.69 -16.32 -3.75
C THR A 80 -24.22 -15.97 -3.61
N VAL A 81 -23.69 -15.30 -4.62
CA VAL A 81 -22.29 -14.90 -4.60
C VAL A 81 -22.23 -13.38 -4.51
N VAL A 82 -21.46 -12.88 -3.54
CA VAL A 82 -21.28 -11.44 -3.31
C VAL A 82 -19.85 -11.17 -3.74
N VAL A 83 -19.69 -10.43 -4.83
CA VAL A 83 -18.37 -10.21 -5.38
C VAL A 83 -17.94 -8.80 -5.75
N ASP A 84 -16.63 -8.60 -5.73
CA ASP A 84 -15.99 -7.36 -6.15
C ASP A 84 -14.98 -7.88 -7.18
N PRO A 85 -15.29 -7.76 -8.48
CA PRO A 85 -14.43 -8.22 -9.56
C PRO A 85 -13.00 -7.66 -9.51
N LEU A 86 -12.89 -6.41 -9.06
CA LEU A 86 -11.58 -5.79 -8.95
C LEU A 86 -11.59 -4.71 -7.89
N ASP A 87 -11.05 -5.06 -6.73
CA ASP A 87 -10.94 -4.13 -5.63
C ASP A 87 -9.60 -3.46 -5.85
N GLY A 88 -9.56 -2.13 -5.77
CA GLY A 88 -8.31 -1.42 -5.98
C GLY A 88 -8.15 -0.91 -7.40
N SER A 89 -9.25 -0.49 -8.02
CA SER A 89 -9.25 0.00 -9.39
C SER A 89 -8.29 1.18 -9.60
N TYR A 90 -8.41 2.21 -8.77
CA TYR A 90 -7.53 3.36 -8.90
C TYR A 90 -6.08 2.91 -8.82
N ASN A 91 -5.79 2.05 -7.83
CA ASN A 91 -4.43 1.57 -7.66
C ASN A 91 -3.94 0.86 -8.92
N PHE A 92 -4.77 -0.05 -9.43
CA PHE A 92 -4.41 -0.80 -10.62
C PHE A 92 -4.02 0.10 -11.80
N ILE A 93 -4.87 1.06 -12.12
CA ILE A 93 -4.58 1.92 -13.26
C ILE A 93 -3.43 2.87 -13.04
N ASN A 94 -2.99 3.02 -11.79
CA ASN A 94 -1.87 3.90 -11.49
C ASN A 94 -0.62 3.11 -11.09
N GLY A 95 -0.64 1.82 -11.38
CA GLY A 95 0.51 0.98 -11.08
C GLY A 95 0.82 0.75 -9.62
N ILE A 96 -0.17 0.98 -8.75
CA ILE A 96 0.02 0.78 -7.31
C ILE A 96 -0.34 -0.69 -7.06
N PRO A 97 0.61 -1.49 -6.56
CA PRO A 97 0.42 -2.92 -6.31
C PRO A 97 -0.47 -3.37 -5.16
N PHE A 98 -1.67 -2.82 -5.11
CA PHE A 98 -2.66 -3.18 -4.11
C PHE A 98 -4.02 -3.29 -4.77
N PHE A 99 -4.36 -4.50 -5.22
CA PHE A 99 -5.65 -4.76 -5.83
C PHE A 99 -5.94 -6.25 -5.71
N ALA A 100 -7.21 -6.62 -5.82
CA ALA A 100 -7.58 -8.01 -5.62
C ALA A 100 -8.95 -8.35 -6.18
N VAL A 101 -9.25 -9.64 -6.18
CA VAL A 101 -10.55 -10.16 -6.59
C VAL A 101 -11.13 -10.67 -5.27
N SER A 102 -12.39 -10.33 -4.99
CA SER A 102 -13.05 -10.73 -3.75
C SER A 102 -14.36 -11.46 -4.03
N VAL A 103 -14.49 -12.68 -3.54
CA VAL A 103 -15.70 -13.47 -3.76
C VAL A 103 -16.16 -14.19 -2.50
N ALA A 104 -17.43 -14.00 -2.14
CA ALA A 104 -18.01 -14.68 -0.97
C ALA A 104 -19.21 -15.48 -1.48
N ILE A 105 -19.25 -16.76 -1.09
CA ILE A 105 -20.32 -17.68 -1.51
C ILE A 105 -21.22 -18.01 -0.34
N PHE A 106 -22.53 -17.84 -0.55
CA PHE A 106 -23.50 -18.11 0.50
C PHE A 106 -24.47 -19.21 0.14
N HIS A 107 -24.66 -20.14 1.07
CA HIS A 107 -25.63 -21.19 0.87
C HIS A 107 -26.85 -20.59 1.51
N GLU A 108 -27.62 -19.85 0.72
CA GLU A 108 -28.80 -19.15 1.22
C GLU A 108 -28.18 -18.01 2.00
N LYS A 109 -28.63 -17.79 3.23
CA LYS A 109 -28.08 -16.71 4.04
C LYS A 109 -26.83 -17.11 4.80
N ASP A 110 -26.32 -18.30 4.52
CA ASP A 110 -25.13 -18.76 5.22
C ASP A 110 -23.86 -18.80 4.37
N PRO A 111 -22.77 -18.21 4.88
CA PRO A 111 -21.49 -18.20 4.15
C PRO A 111 -20.77 -19.54 4.26
N ILE A 112 -20.44 -20.12 3.12
CA ILE A 112 -19.76 -21.42 3.11
C ILE A 112 -18.36 -21.39 2.54
N TYR A 113 -18.02 -20.32 1.83
CA TYR A 113 -16.69 -20.20 1.23
C TYR A 113 -16.47 -18.80 0.74
N ALA A 114 -15.22 -18.35 0.83
CA ALA A 114 -14.85 -17.03 0.34
C ALA A 114 -13.38 -17.05 -0.04
N PHE A 115 -13.01 -16.26 -1.02
CA PHE A 115 -11.62 -16.17 -1.40
C PHE A 115 -11.30 -14.76 -1.85
N ILE A 116 -10.04 -14.41 -1.66
CA ILE A 116 -9.51 -13.12 -2.08
C ILE A 116 -8.22 -13.48 -2.80
N TYR A 117 -8.10 -13.01 -4.04
N TYR A 117 -8.10 -13.03 -4.05
CA TYR A 117 -6.92 -13.24 -4.87
CA TYR A 117 -6.87 -13.29 -4.78
C TYR A 117 -6.10 -11.96 -4.95
C TYR A 117 -6.12 -11.98 -4.87
N GLU A 118 -4.86 -12.01 -4.46
CA GLU A 118 -3.95 -10.86 -4.46
C GLU A 118 -2.92 -11.24 -5.52
N PRO A 119 -3.20 -10.90 -6.80
CA PRO A 119 -2.32 -11.23 -7.91
C PRO A 119 -0.85 -10.82 -7.95
N ILE A 120 -0.55 -9.61 -7.48
N ILE A 120 -0.55 -9.61 -7.49
CA ILE A 120 0.82 -9.12 -7.49
CA ILE A 120 0.83 -9.14 -7.55
C ILE A 120 1.81 -10.07 -6.83
C ILE A 120 1.82 -10.04 -6.81
N VAL A 121 1.35 -10.75 -5.78
CA VAL A 121 2.19 -11.67 -5.05
C VAL A 121 1.69 -13.11 -5.13
N GLU A 122 0.85 -13.38 -6.12
CA GLU A 122 0.32 -14.72 -6.36
C GLU A 122 -0.26 -15.38 -5.12
N ARG A 123 -1.05 -14.63 -4.37
CA ARG A 123 -1.63 -15.14 -3.13
C ARG A 123 -3.12 -15.42 -3.20
N LEU A 124 -3.51 -16.61 -2.76
CA LEU A 124 -4.92 -16.96 -2.72
C LEU A 124 -5.32 -17.16 -1.26
N TYR A 125 -6.14 -16.24 -0.75
CA TYR A 125 -6.65 -16.33 0.62
C TYR A 125 -8.00 -17.01 0.52
N GLU A 126 -8.24 -17.98 1.41
CA GLU A 126 -9.51 -18.69 1.42
C GLU A 126 -10.07 -18.76 2.83
N GLY A 127 -11.39 -18.65 2.92
CA GLY A 127 -12.06 -18.73 4.20
C GLY A 127 -13.12 -19.80 4.10
N ILE A 128 -13.05 -20.77 5.00
CA ILE A 128 -14.01 -21.85 5.02
C ILE A 128 -14.60 -21.93 6.42
N PRO A 129 -15.77 -21.31 6.62
CA PRO A 129 -16.40 -21.32 7.94
C PRO A 129 -16.53 -22.75 8.49
N GLY A 130 -16.10 -22.92 9.73
CA GLY A 130 -16.18 -24.24 10.34
C GLY A 130 -14.93 -25.07 10.11
N LYS A 131 -14.00 -24.55 9.31
CA LYS A 131 -12.77 -25.28 9.05
C LYS A 131 -11.55 -24.39 9.31
N GLY A 132 -11.53 -23.22 8.68
CA GLY A 132 -10.42 -22.31 8.90
C GLY A 132 -10.16 -21.41 7.70
N SER A 133 -9.18 -20.53 7.85
CA SER A 133 -8.79 -19.62 6.77
C SER A 133 -7.38 -20.01 6.37
N TYR A 134 -7.07 -19.81 5.09
CA TYR A 134 -5.78 -20.20 4.55
C TYR A 134 -5.21 -19.22 3.55
N LEU A 135 -3.90 -19.29 3.37
CA LEU A 135 -3.18 -18.50 2.38
C LEU A 135 -2.36 -19.53 1.61
N ASN A 136 -2.68 -19.70 0.34
CA ASN A 136 -1.99 -20.68 -0.50
C ASN A 136 -2.00 -22.06 0.14
N GLY A 137 -3.10 -22.39 0.80
CA GLY A 137 -3.25 -23.69 1.43
C GLY A 137 -2.71 -23.85 2.83
N GLU A 138 -2.02 -22.83 3.34
CA GLU A 138 -1.45 -22.88 4.69
C GLU A 138 -2.41 -22.15 5.63
N LYS A 139 -2.70 -22.74 6.78
CA LYS A 139 -3.60 -22.11 7.72
C LYS A 139 -3.07 -20.76 8.23
N ILE A 140 -3.95 -19.78 8.29
CA ILE A 140 -3.59 -18.45 8.80
C ILE A 140 -4.51 -18.07 9.95
N LYS A 141 -4.03 -17.18 10.81
CA LYS A 141 -4.82 -16.71 11.94
C LYS A 141 -4.37 -15.31 12.30
N VAL A 142 -5.24 -14.56 12.97
CA VAL A 142 -4.87 -13.20 13.37
C VAL A 142 -3.72 -13.34 14.36
N ARG A 143 -2.89 -12.30 14.43
CA ARG A 143 -1.78 -12.35 15.37
C ARG A 143 -2.23 -11.88 16.74
N GLU A 144 -1.45 -12.22 17.75
CA GLU A 144 -1.76 -11.80 19.11
C GLU A 144 -1.29 -10.36 19.21
N LEU A 145 -2.08 -9.52 19.89
CA LEU A 145 -1.70 -8.12 20.07
C LEU A 145 -0.62 -8.07 21.13
N ALA A 146 0.59 -7.69 20.74
CA ALA A 146 1.71 -7.64 21.68
C ALA A 146 2.54 -6.36 21.63
N GLU A 147 2.05 -5.35 20.93
CA GLU A 147 2.74 -4.07 20.84
C GLU A 147 1.74 -3.01 20.39
N LYS A 148 2.18 -1.76 20.31
CA LYS A 148 1.25 -0.71 19.87
C LYS A 148 0.80 -1.17 18.48
N PRO A 149 -0.51 -1.27 18.27
CA PRO A 149 -1.09 -1.73 17.00
C PRO A 149 -0.80 -0.99 15.70
N SER A 150 -0.85 -1.77 14.63
CA SER A 150 -0.66 -1.29 13.27
C SER A 150 -2.04 -1.53 12.65
N ILE A 151 -2.64 -0.49 12.09
CA ILE A 151 -3.97 -0.64 11.54
C ILE A 151 -4.19 0.00 10.19
N SER A 152 -5.24 -0.45 9.50
CA SER A 152 -5.66 0.17 8.26
C SER A 152 -6.72 1.15 8.78
N PHE A 153 -6.71 2.37 8.25
CA PHE A 153 -7.62 3.41 8.73
C PHE A 153 -8.14 4.30 7.63
N TYR A 154 -9.46 4.41 7.54
CA TYR A 154 -10.15 5.25 6.56
C TYR A 154 -11.21 6.07 7.30
N THR A 155 -11.17 7.39 7.11
CA THR A 155 -12.15 8.27 7.73
C THR A 155 -12.26 9.55 6.91
N LYS A 156 -13.40 10.22 7.03
CA LYS A 156 -13.63 11.47 6.32
C LYS A 156 -13.40 12.62 7.28
N GLY A 157 -13.32 12.29 8.57
CA GLY A 157 -13.15 13.32 9.57
C GLY A 157 -11.83 13.26 10.33
N LYS A 158 -11.84 13.80 11.53
CA LYS A 158 -10.64 13.82 12.37
C LYS A 158 -10.33 12.45 12.92
N GLY A 159 -9.06 12.08 12.90
CA GLY A 159 -8.66 10.77 13.39
C GLY A 159 -7.58 10.84 14.44
N THR A 160 -7.38 12.02 15.01
CA THR A 160 -6.36 12.24 16.03
C THR A 160 -6.41 11.23 17.18
N LYS A 161 -7.59 11.04 17.75
CA LYS A 161 -7.74 10.12 18.88
C LYS A 161 -7.38 8.68 18.52
N ILE A 162 -7.80 8.22 17.36
CA ILE A 162 -7.47 6.85 16.94
C ILE A 162 -5.98 6.73 16.62
N ILE A 163 -5.43 7.72 15.93
CA ILE A 163 -4.01 7.67 15.57
C ILE A 163 -3.12 7.62 16.82
N ASP A 164 -3.57 8.25 17.90
CA ASP A 164 -2.82 8.26 19.15
C ASP A 164 -2.65 6.85 19.72
N LYS A 165 -3.63 5.99 19.44
CA LYS A 165 -3.63 4.62 19.95
C LYS A 165 -2.82 3.63 19.14
N VAL A 166 -2.30 4.06 17.99
CA VAL A 166 -1.56 3.14 17.14
C VAL A 166 -0.13 3.55 16.82
N LYS A 167 0.67 2.56 16.44
CA LYS A 167 2.07 2.78 16.09
C LYS A 167 2.16 3.29 14.65
N ARG A 168 1.27 2.81 13.80
CA ARG A 168 1.25 3.20 12.39
C ARG A 168 -0.08 2.90 11.77
N THR A 169 -0.36 3.57 10.66
CA THR A 169 -1.59 3.33 9.92
C THR A 169 -1.23 3.07 8.47
N ARG A 170 -2.13 2.38 7.79
CA ARG A 170 -2.02 2.10 6.38
C ARG A 170 -3.39 2.43 5.80
N THR A 171 -3.39 2.96 4.59
CA THR A 171 -4.63 3.25 3.87
C THR A 171 -4.22 2.84 2.47
N LEU A 172 -4.49 1.57 2.17
CA LEU A 172 -4.03 0.98 0.92
C LEU A 172 -4.88 1.12 -0.32
N GLY A 173 -6.18 1.37 -0.16
CA GLY A 173 -7.03 1.51 -1.32
C GLY A 173 -7.64 0.21 -1.82
N ALA A 174 -7.61 -0.83 -1.00
CA ALA A 174 -8.19 -2.14 -1.36
C ALA A 174 -8.56 -2.82 -0.05
N ILE A 175 -9.76 -2.53 0.43
CA ILE A 175 -10.22 -3.07 1.70
C ILE A 175 -10.17 -4.61 1.79
N ALA A 176 -10.36 -5.30 0.68
CA ALA A 176 -10.30 -6.75 0.71
C ALA A 176 -8.93 -7.20 1.17
N LEU A 177 -7.89 -6.55 0.64
CA LEU A 177 -6.53 -6.91 1.03
C LEU A 177 -6.26 -6.53 2.47
N GLU A 178 -6.78 -5.38 2.90
CA GLU A 178 -6.52 -4.98 4.26
C GLU A 178 -7.15 -5.97 5.24
N LEU A 179 -8.34 -6.46 4.92
CA LEU A 179 -8.99 -7.46 5.76
C LEU A 179 -8.21 -8.79 5.68
N ALA A 180 -7.70 -9.14 4.51
CA ALA A 180 -6.92 -10.36 4.35
C ALA A 180 -5.62 -10.23 5.17
N TYR A 181 -5.04 -9.04 5.20
CA TYR A 181 -3.82 -8.82 5.95
C TYR A 181 -4.11 -8.99 7.44
N LEU A 182 -5.26 -8.50 7.88
CA LEU A 182 -5.66 -8.68 9.27
C LEU A 182 -5.78 -10.17 9.56
N ALA A 183 -6.39 -10.90 8.62
CA ALA A 183 -6.60 -12.32 8.77
C ALA A 183 -5.34 -13.14 8.94
N ARG A 184 -4.24 -12.72 8.32
CA ARG A 184 -3.00 -13.49 8.45
C ARG A 184 -1.99 -12.90 9.42
N GLY A 185 -2.36 -11.83 10.10
CA GLY A 185 -1.48 -11.24 11.08
C GLY A 185 -0.52 -10.14 10.66
N ALA A 186 -0.83 -9.43 9.57
CA ALA A 186 0.02 -8.34 9.10
C ALA A 186 -0.45 -6.99 9.63
N LEU A 187 -1.65 -6.99 10.21
CA LEU A 187 -2.26 -5.79 10.81
C LEU A 187 -3.04 -6.25 12.04
N ASP A 188 -3.28 -5.32 12.97
CA ASP A 188 -4.04 -5.63 14.18
C ASP A 188 -5.51 -5.23 14.03
N ALA A 189 -5.79 -4.27 13.15
CA ALA A 189 -7.16 -3.82 12.94
C ALA A 189 -7.34 -3.14 11.59
N VAL A 190 -8.59 -3.09 11.15
CA VAL A 190 -8.98 -2.45 9.91
C VAL A 190 -10.18 -1.60 10.30
N VAL A 191 -10.06 -0.29 10.11
CA VAL A 191 -11.10 0.64 10.49
C VAL A 191 -11.51 1.51 9.32
N ASP A 192 -12.78 1.41 8.91
CA ASP A 192 -13.28 2.23 7.82
C ASP A 192 -14.62 2.79 8.26
N ILE A 193 -14.63 4.09 8.55
CA ILE A 193 -15.83 4.75 9.02
C ILE A 193 -16.28 5.88 8.09
N ARG A 194 -16.03 5.70 6.80
CA ARG A 194 -16.39 6.68 5.79
C ARG A 194 -17.84 6.61 5.33
N ASN A 195 -18.56 5.58 5.72
CA ASN A 195 -19.95 5.39 5.27
C ASN A 195 -19.87 5.31 3.75
N TYR A 196 -18.82 4.66 3.26
CA TYR A 196 -18.52 4.53 1.84
C TYR A 196 -18.56 3.09 1.30
N LEU A 197 -18.10 2.13 2.11
CA LEU A 197 -18.05 0.74 1.69
C LEU A 197 -19.42 0.12 1.43
N ARG A 198 -19.44 -0.89 0.57
CA ARG A 198 -20.66 -1.63 0.25
C ARG A 198 -20.43 -3.07 0.69
N PRO A 199 -21.51 -3.84 0.88
CA PRO A 199 -21.34 -5.24 1.30
C PRO A 199 -20.45 -6.02 0.34
N THR A 200 -20.52 -5.68 -0.94
CA THR A 200 -19.73 -6.34 -1.96
C THR A 200 -18.22 -6.14 -1.75
N ASP A 201 -17.86 -5.01 -1.15
CA ASP A 201 -16.45 -4.72 -0.90
C ASP A 201 -15.86 -5.55 0.23
N ILE A 202 -16.67 -5.81 1.25
CA ILE A 202 -16.19 -6.50 2.43
C ILE A 202 -16.60 -7.93 2.70
N ALA A 203 -17.56 -8.46 1.94
CA ALA A 203 -18.05 -9.80 2.20
C ALA A 203 -16.97 -10.88 2.39
N ALA A 204 -16.12 -11.06 1.39
CA ALA A 204 -15.09 -12.08 1.49
C ALA A 204 -14.10 -11.80 2.61
N GLY A 205 -13.69 -10.54 2.73
CA GLY A 205 -12.74 -10.18 3.77
C GLY A 205 -13.28 -10.45 5.16
N VAL A 206 -14.57 -10.21 5.35
CA VAL A 206 -15.17 -10.46 6.66
C VAL A 206 -15.22 -11.95 6.96
N VAL A 207 -15.61 -12.75 5.97
CA VAL A 207 -15.66 -14.20 6.17
C VAL A 207 -14.27 -14.74 6.48
N ILE A 208 -13.28 -14.33 5.71
CA ILE A 208 -11.92 -14.80 5.92
C ILE A 208 -11.33 -14.33 7.24
N ALA A 209 -11.49 -13.05 7.56
CA ALA A 209 -10.95 -12.52 8.79
C ALA A 209 -11.62 -13.16 10.00
N ARG A 210 -12.94 -13.32 9.95
CA ARG A 210 -13.65 -13.93 11.06
C ARG A 210 -13.19 -15.35 11.33
N GLU A 211 -13.09 -16.17 10.29
CA GLU A 211 -12.67 -17.55 10.49
C GLU A 211 -11.23 -17.59 11.02
N ALA A 212 -10.45 -16.55 10.72
CA ALA A 212 -9.06 -16.47 11.19
C ALA A 212 -8.98 -15.99 12.63
N GLY A 213 -10.12 -15.65 13.22
CA GLY A 213 -10.14 -15.20 14.61
C GLY A 213 -10.43 -13.73 14.85
N ALA A 214 -10.66 -12.96 13.80
CA ALA A 214 -10.94 -11.53 13.95
C ALA A 214 -12.37 -11.26 14.41
N ILE A 215 -12.55 -10.12 15.06
CA ILE A 215 -13.85 -9.67 15.52
C ILE A 215 -14.18 -8.53 14.55
N VAL A 216 -15.36 -8.58 13.94
CA VAL A 216 -15.75 -7.55 12.98
C VAL A 216 -17.08 -6.93 13.37
N LYS A 217 -17.05 -5.68 13.79
CA LYS A 217 -18.26 -4.99 14.23
C LYS A 217 -18.51 -3.68 13.51
N ASP A 218 -19.70 -3.13 13.70
CA ASP A 218 -20.08 -1.87 13.09
C ASP A 218 -19.95 -0.75 14.12
N LEU A 219 -20.41 0.44 13.75
CA LEU A 219 -20.34 1.60 14.63
C LEU A 219 -21.11 1.44 15.94
N ASP A 220 -22.10 0.55 15.94
CA ASP A 220 -22.92 0.30 17.13
C ASP A 220 -22.33 -0.81 18.00
N GLY A 221 -21.18 -1.32 17.62
CA GLY A 221 -20.55 -2.39 18.38
C GLY A 221 -21.16 -3.76 18.19
N LYS A 222 -21.94 -3.92 17.13
CA LYS A 222 -22.58 -5.19 16.83
C LYS A 222 -21.88 -5.88 15.67
N ASP A 223 -21.88 -7.20 15.68
CA ASP A 223 -21.24 -7.96 14.60
C ASP A 223 -21.80 -7.53 13.26
N VAL A 224 -20.91 -7.34 12.30
CA VAL A 224 -21.32 -6.92 10.97
C VAL A 224 -22.07 -8.08 10.30
N GLU A 225 -23.19 -7.75 9.65
CA GLU A 225 -23.99 -8.74 8.95
C GLU A 225 -23.91 -8.47 7.45
N ILE A 226 -23.40 -9.44 6.71
CA ILE A 226 -23.28 -9.27 5.27
C ILE A 226 -24.65 -9.47 4.63
N THR A 227 -25.17 -8.42 4.00
CA THR A 227 -26.46 -8.47 3.35
C THR A 227 -26.26 -8.58 1.84
N PHE A 228 -27.28 -9.06 1.14
CA PHE A 228 -27.18 -9.20 -0.31
C PHE A 228 -27.58 -7.91 -1.01
N SER A 229 -26.90 -6.83 -0.66
CA SER A 229 -27.15 -5.52 -1.24
C SER A 229 -25.88 -4.96 -1.83
N ALA A 230 -26.02 -4.18 -2.90
CA ALA A 230 -24.87 -3.57 -3.55
C ALA A 230 -24.91 -2.05 -3.37
N THR A 231 -25.92 -1.58 -2.64
CA THR A 231 -26.10 -0.15 -2.39
C THR A 231 -25.97 0.25 -0.93
N GLU A 232 -26.22 -0.70 -0.03
CA GLU A 232 -26.12 -0.44 1.41
C GLU A 232 -24.71 0.03 1.80
N LYS A 233 -24.64 1.14 2.54
CA LYS A 233 -23.35 1.67 2.98
C LYS A 233 -22.98 1.01 4.30
N VAL A 234 -21.73 0.63 4.44
CA VAL A 234 -21.30 -0.03 5.67
C VAL A 234 -19.98 0.52 6.22
N ASN A 235 -19.88 0.47 7.54
CA ASN A 235 -18.67 0.90 8.26
C ASN A 235 -18.19 -0.31 9.03
N ILE A 236 -16.89 -0.48 9.10
CA ILE A 236 -16.36 -1.62 9.82
C ILE A 236 -15.21 -1.29 10.76
N ILE A 237 -15.19 -2.02 11.87
CA ILE A 237 -14.13 -1.93 12.85
C ILE A 237 -13.82 -3.41 13.09
N ALA A 238 -12.75 -3.88 12.47
CA ALA A 238 -12.33 -5.27 12.58
C ALA A 238 -11.00 -5.31 13.33
N ALA A 239 -10.87 -6.21 14.29
CA ALA A 239 -9.64 -6.29 15.06
C ALA A 239 -9.32 -7.68 15.57
N ASN A 240 -8.10 -7.83 16.06
CA ASN A 240 -7.62 -9.10 16.60
C ASN A 240 -7.69 -9.09 18.11
N ASN A 241 -8.39 -8.11 18.66
CA ASN A 241 -8.49 -7.96 20.12
C ASN A 241 -9.71 -7.13 20.46
N GLU A 242 -10.56 -7.65 21.35
CA GLU A 242 -11.78 -6.97 21.76
C GLU A 242 -11.52 -5.63 22.45
N GLU A 243 -10.51 -5.58 23.32
CA GLU A 243 -10.20 -4.35 24.02
C GLU A 243 -9.79 -3.25 23.04
N LEU A 244 -8.99 -3.62 22.04
CA LEU A 244 -8.55 -2.65 21.03
C LEU A 244 -9.75 -2.16 20.24
N LEU A 245 -10.61 -3.08 19.85
CA LEU A 245 -11.81 -2.72 19.09
C LEU A 245 -12.64 -1.72 19.89
N GLU A 246 -12.84 -2.01 21.17
CA GLU A 246 -13.61 -1.11 22.01
C GLU A 246 -12.92 0.24 22.17
N THR A 247 -11.60 0.23 22.26
CA THR A 247 -10.84 1.48 22.39
C THR A 247 -11.03 2.31 21.11
N ILE A 248 -11.03 1.64 19.97
CA ILE A 248 -11.21 2.34 18.70
C ILE A 248 -12.60 2.99 18.67
N LEU A 249 -13.62 2.23 19.07
CA LEU A 249 -14.97 2.76 19.08
C LEU A 249 -15.08 4.00 19.98
N ARG A 250 -14.43 3.94 21.14
CA ARG A 250 -14.45 5.06 22.08
C ARG A 250 -13.69 6.27 21.55
N SER A 251 -12.79 6.03 20.60
CA SER A 251 -11.97 7.10 20.04
C SER A 251 -12.48 7.69 18.74
N ILE A 252 -13.62 7.19 18.24
CA ILE A 252 -14.16 7.70 16.99
C ILE A 252 -14.57 9.16 17.11
N GLU A 253 -14.15 9.96 16.14
CA GLU A 253 -14.45 11.39 16.11
C GLU A 253 -15.22 11.72 14.84
N LYS A 254 -15.77 12.94 14.77
CA LYS A 254 -16.53 13.36 13.60
C LYS A 254 -15.58 13.92 12.55
N SER B 2 37.29 -1.36 -15.34
CA SER B 2 36.75 -0.02 -15.74
C SER B 2 36.11 0.68 -14.56
N VAL B 3 35.76 1.95 -14.74
CA VAL B 3 35.14 2.74 -13.69
C VAL B 3 33.62 2.67 -13.83
N LYS B 4 32.96 2.24 -12.76
CA LYS B 4 31.51 2.12 -12.76
C LYS B 4 30.85 3.43 -12.35
N THR B 5 29.82 3.82 -13.11
CA THR B 5 29.08 5.04 -12.79
C THR B 5 28.10 4.68 -11.69
N TRP B 6 27.49 5.70 -11.08
CA TRP B 6 26.53 5.43 -10.02
C TRP B 6 25.37 4.56 -10.49
N ARG B 7 25.00 4.68 -11.76
CA ARG B 7 23.91 3.85 -12.27
C ARG B 7 24.33 2.38 -12.28
N LYS B 8 25.58 2.12 -12.66
CA LYS B 8 26.07 0.74 -12.68
C LYS B 8 26.10 0.19 -11.26
N ILE B 9 26.47 1.04 -10.31
CA ILE B 9 26.51 0.65 -8.90
C ILE B 9 25.08 0.30 -8.47
N ALA B 10 24.11 1.09 -8.93
CA ALA B 10 22.71 0.84 -8.61
C ALA B 10 22.28 -0.52 -9.18
N ILE B 11 22.70 -0.79 -10.41
CA ILE B 11 22.36 -2.07 -11.04
C ILE B 11 22.94 -3.23 -10.25
N ASP B 12 24.16 -3.07 -9.75
CA ASP B 12 24.76 -4.14 -8.97
C ASP B 12 23.98 -4.33 -7.67
N ILE B 13 23.58 -3.22 -7.05
CA ILE B 13 22.81 -3.27 -5.81
C ILE B 13 21.46 -3.95 -6.04
N ILE B 14 20.83 -3.63 -7.16
CA ILE B 14 19.53 -4.21 -7.54
C ILE B 14 19.64 -5.73 -7.59
N ARG B 15 20.62 -6.22 -8.36
CA ARG B 15 20.83 -7.65 -8.51
C ARG B 15 21.14 -8.32 -7.18
N ASP B 16 21.95 -7.68 -6.35
CA ASP B 16 22.30 -8.25 -5.06
C ASP B 16 21.07 -8.29 -4.14
N PHE B 17 20.21 -7.27 -4.25
CA PHE B 17 19.00 -7.23 -3.43
C PHE B 17 18.08 -8.37 -3.84
N ASP B 18 17.89 -8.55 -5.14
CA ASP B 18 17.02 -9.60 -5.65
C ASP B 18 17.46 -10.98 -5.21
N HIS B 19 18.77 -11.21 -5.22
CA HIS B 19 19.30 -12.52 -4.87
C HIS B 19 19.39 -12.81 -3.37
N ASN B 20 19.72 -11.79 -2.58
CA ASN B 20 19.88 -12.00 -1.14
C ASN B 20 18.76 -11.54 -0.23
N ILE B 21 18.03 -10.50 -0.62
CA ILE B 21 16.99 -9.99 0.25
C ILE B 21 15.56 -10.41 -0.12
N MET B 22 15.24 -10.41 -1.41
CA MET B 22 13.89 -10.79 -1.80
C MET B 22 13.43 -12.14 -1.24
N PRO B 23 14.34 -13.11 -1.09
CA PRO B 23 13.89 -14.40 -0.54
C PRO B 23 13.34 -14.29 0.88
N LEU B 24 13.62 -13.15 1.54
CA LEU B 24 13.17 -12.91 2.91
C LEU B 24 11.83 -12.17 3.02
N PHE B 25 11.28 -11.76 1.88
CA PHE B 25 10.03 -11.01 1.86
C PHE B 25 8.89 -11.75 2.58
N GLY B 26 8.36 -11.12 3.62
CA GLY B 26 7.27 -11.74 4.39
C GLY B 26 7.67 -13.09 4.95
N ASN B 27 8.97 -13.29 5.13
CA ASN B 27 9.49 -14.54 5.67
C ASN B 27 9.84 -14.37 7.15
N PRO B 28 9.35 -15.28 8.00
CA PRO B 28 9.61 -15.21 9.44
C PRO B 28 11.10 -15.07 9.76
N LYS B 29 11.94 -15.67 8.92
CA LYS B 29 13.39 -15.61 9.11
C LYS B 29 13.90 -14.16 9.09
N ALA B 30 13.28 -13.34 8.26
CA ALA B 30 13.68 -11.93 8.14
C ALA B 30 13.65 -11.19 9.47
N SER B 31 12.67 -11.49 10.30
CA SER B 31 12.52 -10.82 11.59
C SER B 31 13.30 -11.49 12.72
N GLU B 32 13.82 -12.68 12.46
CA GLU B 32 14.57 -13.41 13.47
C GLU B 32 15.78 -12.62 13.94
N THR B 33 16.04 -12.63 15.25
CA THR B 33 17.17 -11.91 15.78
C THR B 33 18.45 -12.66 15.50
N ILE B 34 19.43 -11.95 14.99
CA ILE B 34 20.69 -12.57 14.64
C ILE B 34 21.75 -12.11 15.60
N SER B 35 21.47 -10.99 16.25
CA SER B 35 22.41 -10.40 17.19
C SER B 35 21.76 -9.18 17.85
N ASP B 41 19.36 -3.42 21.32
CA ASP B 41 18.41 -3.61 20.23
C ASP B 41 18.63 -4.92 19.49
N GLU B 42 17.55 -5.61 19.17
CA GLU B 42 17.63 -6.88 18.45
C GLU B 42 17.71 -6.71 16.94
N THR B 43 18.88 -7.04 16.43
CA THR B 43 19.22 -6.95 15.03
C THR B 43 18.60 -8.08 14.21
N LYS B 44 17.75 -7.74 13.25
CA LYS B 44 17.10 -8.75 12.44
C LYS B 44 18.01 -9.32 11.36
N VAL B 45 17.67 -10.51 10.87
CA VAL B 45 18.44 -11.17 9.84
C VAL B 45 18.47 -10.28 8.60
N VAL B 46 17.32 -9.71 8.25
CA VAL B 46 17.23 -8.84 7.09
C VAL B 46 18.16 -7.63 7.21
N ASP B 47 18.29 -7.12 8.43
CA ASP B 47 19.15 -5.96 8.69
C ASP B 47 20.61 -6.30 8.41
N LYS B 48 21.06 -7.43 8.93
CA LYS B 48 22.43 -7.89 8.75
C LYS B 48 22.73 -8.11 7.27
N VAL B 49 21.80 -8.74 6.56
CA VAL B 49 21.98 -9.01 5.14
C VAL B 49 22.04 -7.71 4.34
N ALA B 50 21.22 -6.74 4.74
CA ALA B 50 21.18 -5.44 4.07
C ALA B 50 22.51 -4.71 4.24
N GLU B 51 23.11 -4.88 5.42
CA GLU B 51 24.40 -4.25 5.72
C GLU B 51 25.53 -4.88 4.90
N ASN B 52 25.63 -6.20 4.98
CA ASN B 52 26.67 -6.95 4.28
C ASN B 52 26.60 -6.84 2.75
N ILE B 53 25.48 -6.37 2.23
CA ILE B 53 25.33 -6.29 0.78
C ILE B 53 25.14 -4.89 0.19
N ILE B 54 24.52 -4.00 0.95
CA ILE B 54 24.31 -2.64 0.46
C ILE B 54 25.14 -1.61 1.22
N ILE B 55 25.00 -1.57 2.54
CA ILE B 55 25.75 -0.63 3.35
C ILE B 55 27.25 -0.86 3.20
N SER B 56 27.65 -2.13 3.19
CA SER B 56 29.06 -2.48 3.07
C SER B 56 29.63 -2.05 1.73
N LYS B 57 28.81 -2.14 0.70
CA LYS B 57 29.23 -1.75 -0.65
C LYS B 57 29.69 -0.30 -0.68
N PHE B 58 28.84 0.60 -0.19
CA PHE B 58 29.17 2.02 -0.19
C PHE B 58 30.37 2.31 0.70
N LYS B 59 30.47 1.59 1.82
CA LYS B 59 31.58 1.81 2.72
C LYS B 59 32.88 1.44 2.01
N ASP B 60 32.86 0.35 1.24
CA ASP B 60 34.04 -0.09 0.52
C ASP B 60 34.45 0.89 -0.58
N LEU B 61 33.49 1.68 -1.06
CA LEU B 61 33.78 2.65 -2.11
C LEU B 61 34.53 3.84 -1.50
N GLY B 62 34.57 3.91 -0.17
CA GLY B 62 35.26 4.97 0.52
C GLY B 62 34.49 6.27 0.74
N VAL B 63 33.20 6.27 0.41
CA VAL B 63 32.38 7.46 0.60
C VAL B 63 31.79 7.51 1.99
N ASN B 64 31.39 8.70 2.43
CA ASN B 64 30.76 8.82 3.74
C ASN B 64 29.40 8.18 3.58
N VAL B 65 28.92 7.52 4.63
CA VAL B 65 27.64 6.83 4.56
C VAL B 65 26.72 7.25 5.70
N VAL B 66 25.47 7.51 5.36
CA VAL B 66 24.46 7.88 6.34
C VAL B 66 23.31 6.91 6.20
N SER B 67 23.01 6.18 7.27
CA SER B 67 21.93 5.22 7.25
C SER B 67 21.37 5.06 8.66
N GLU B 68 20.12 4.65 8.75
CA GLU B 68 19.44 4.46 10.04
C GLU B 68 20.09 3.43 10.95
N GLU B 69 20.27 2.22 10.44
CA GLU B 69 20.84 1.12 11.21
C GLU B 69 22.31 1.25 11.62
N ILE B 70 23.10 1.97 10.83
CA ILE B 70 24.51 2.13 11.16
C ILE B 70 24.88 3.53 11.65
N GLY B 71 23.96 4.48 11.48
CA GLY B 71 24.22 5.84 11.92
C GLY B 71 24.88 6.69 10.84
N ARG B 72 26.08 7.19 11.14
CA ARG B 72 26.80 8.04 10.19
C ARG B 72 28.27 7.65 10.16
N ILE B 73 28.75 7.22 9.00
CA ILE B 73 30.13 6.81 8.83
C ILE B 73 30.91 7.89 8.10
N ASP B 74 31.85 8.51 8.79
CA ASP B 74 32.67 9.58 8.22
C ASP B 74 34.02 9.02 7.78
N GLN B 75 34.24 9.00 6.47
CA GLN B 75 35.49 8.50 5.90
C GLN B 75 36.33 9.65 5.34
N GLY B 76 35.91 10.88 5.64
CA GLY B 76 36.62 12.06 5.15
C GLY B 76 36.50 12.25 3.65
N SER B 77 35.49 11.60 3.07
CA SER B 77 35.26 11.66 1.62
C SER B 77 34.60 12.96 1.15
N ASP B 78 34.75 13.25 -0.13
CA ASP B 78 34.11 14.42 -0.73
C ASP B 78 32.73 14.04 -1.24
N TYR B 79 32.34 12.79 -0.99
CA TYR B 79 31.02 12.26 -1.38
C TYR B 79 30.34 11.65 -0.18
N THR B 80 29.02 11.81 -0.10
CA THR B 80 28.22 11.26 0.97
C THR B 80 27.00 10.55 0.37
N VAL B 81 26.75 9.34 0.84
CA VAL B 81 25.61 8.58 0.36
C VAL B 81 24.63 8.33 1.49
N VAL B 82 23.37 8.69 1.26
CA VAL B 82 22.32 8.43 2.24
C VAL B 82 21.64 7.20 1.69
N VAL B 83 21.60 6.13 2.46
CA VAL B 83 21.00 4.92 1.96
C VAL B 83 20.06 4.24 2.92
N ASP B 84 18.92 3.82 2.40
CA ASP B 84 17.97 3.05 3.19
C ASP B 84 17.91 1.75 2.42
N PRO B 85 18.55 0.71 2.96
CA PRO B 85 18.57 -0.61 2.31
C PRO B 85 17.18 -1.22 2.20
N LEU B 86 16.24 -0.70 2.99
CA LEU B 86 14.89 -1.23 2.97
C LEU B 86 13.85 -0.25 3.49
N ASP B 87 13.46 0.70 2.66
CA ASP B 87 12.42 1.64 3.06
C ASP B 87 11.14 0.82 2.95
N GLY B 88 10.29 0.93 3.97
CA GLY B 88 9.07 0.12 4.00
C GLY B 88 9.37 -1.20 4.69
N SER B 89 10.23 -1.16 5.70
CA SER B 89 10.64 -2.36 6.43
C SER B 89 9.48 -3.11 7.10
N TYR B 90 8.58 -2.37 7.74
CA TYR B 90 7.45 -3.03 8.38
C TYR B 90 6.66 -3.82 7.31
N ASN B 91 6.42 -3.15 6.19
CA ASN B 91 5.68 -3.80 5.10
C ASN B 91 6.40 -5.06 4.65
N PHE B 92 7.70 -4.94 4.40
CA PHE B 92 8.49 -6.08 3.94
C PHE B 92 8.39 -7.28 4.86
N ILE B 93 8.63 -7.04 6.15
N ILE B 93 8.65 -7.08 6.15
CA ILE B 93 8.59 -8.08 7.17
CA ILE B 93 8.60 -8.22 7.06
C ILE B 93 7.21 -8.73 7.27
C ILE B 93 7.19 -8.80 7.18
N ASN B 94 6.17 -7.98 6.93
CA ASN B 94 4.80 -8.46 7.01
C ASN B 94 4.19 -8.87 5.68
N GLY B 95 5.03 -9.00 4.65
CA GLY B 95 4.55 -9.41 3.35
C GLY B 95 3.67 -8.44 2.60
N ILE B 96 3.75 -7.16 2.94
CA ILE B 96 2.96 -6.14 2.27
C ILE B 96 3.89 -5.64 1.15
N PRO B 97 3.47 -5.84 -0.12
CA PRO B 97 4.27 -5.46 -1.29
C PRO B 97 4.51 -4.01 -1.63
N PHE B 98 5.04 -3.26 -0.67
CA PHE B 98 5.36 -1.86 -0.88
C PHE B 98 6.61 -1.53 -0.08
N PHE B 99 7.75 -1.58 -0.75
CA PHE B 99 9.04 -1.31 -0.11
C PHE B 99 10.04 -1.05 -1.20
N ALA B 100 11.19 -0.49 -0.85
CA ALA B 100 12.20 -0.17 -1.84
C ALA B 100 13.56 0.12 -1.24
N VAL B 101 14.58 0.10 -2.10
CA VAL B 101 15.93 0.47 -1.71
C VAL B 101 15.96 1.95 -2.17
N SER B 102 16.44 2.83 -1.30
CA SER B 102 16.47 4.26 -1.62
C SER B 102 17.86 4.81 -1.34
N VAL B 103 18.44 5.48 -2.34
CA VAL B 103 19.79 6.02 -2.22
C VAL B 103 19.92 7.42 -2.81
N ALA B 104 20.55 8.32 -2.07
CA ALA B 104 20.82 9.69 -2.55
C ALA B 104 22.31 9.91 -2.44
N ILE B 105 22.91 10.37 -3.54
CA ILE B 105 24.35 10.61 -3.58
C ILE B 105 24.66 12.09 -3.65
N PHE B 106 25.55 12.54 -2.78
CA PHE B 106 25.94 13.94 -2.69
C PHE B 106 27.42 14.13 -2.97
N HIS B 107 27.74 15.18 -3.72
CA HIS B 107 29.13 15.56 -3.97
C HIS B 107 29.19 16.75 -3.05
N GLU B 108 29.93 16.63 -1.94
CA GLU B 108 29.99 17.68 -0.94
C GLU B 108 28.54 17.89 -0.56
N LYS B 109 28.02 19.12 -0.60
CA LYS B 109 26.64 19.35 -0.19
C LYS B 109 25.59 19.28 -1.31
N ASP B 110 26.00 18.92 -2.52
CA ASP B 110 25.06 18.88 -3.64
C ASP B 110 24.62 17.51 -4.10
N PRO B 111 23.31 17.28 -4.20
CA PRO B 111 22.84 15.97 -4.64
C PRO B 111 23.19 15.86 -6.12
N ILE B 112 23.76 14.72 -6.53
CA ILE B 112 24.12 14.53 -7.92
C ILE B 112 23.43 13.32 -8.54
N TYR B 113 22.84 12.48 -7.71
CA TYR B 113 22.14 11.29 -8.21
C TYR B 113 21.32 10.66 -7.11
N ALA B 114 20.22 10.03 -7.49
CA ALA B 114 19.40 9.32 -6.55
C ALA B 114 18.70 8.21 -7.29
N PHE B 115 18.48 7.09 -6.60
CA PHE B 115 17.74 6.00 -7.20
C PHE B 115 16.90 5.34 -6.14
N ILE B 116 15.77 4.82 -6.58
CA ILE B 116 14.85 4.10 -5.71
C ILE B 116 14.47 2.85 -6.51
N TYR B 117 14.71 1.69 -5.92
CA TYR B 117 14.41 0.42 -6.57
C TYR B 117 13.21 -0.22 -5.88
N GLU B 118 12.15 -0.45 -6.65
CA GLU B 118 10.91 -1.05 -6.17
C GLU B 118 10.89 -2.47 -6.76
N PRO B 119 11.43 -3.44 -6.02
CA PRO B 119 11.51 -4.84 -6.47
C PRO B 119 10.26 -5.58 -6.90
N ILE B 120 9.17 -5.43 -6.16
CA ILE B 120 7.94 -6.15 -6.50
C ILE B 120 7.49 -5.98 -7.94
N VAL B 121 7.67 -4.79 -8.49
CA VAL B 121 7.26 -4.50 -9.86
C VAL B 121 8.46 -4.19 -10.75
N GLU B 122 9.64 -4.57 -10.28
CA GLU B 122 10.90 -4.38 -11.01
C GLU B 122 11.04 -2.99 -11.62
N ARG B 123 10.93 -1.98 -10.76
CA ARG B 123 11.05 -0.59 -11.21
C ARG B 123 12.27 0.08 -10.63
N LEU B 124 13.06 0.70 -11.49
CA LEU B 124 14.21 1.47 -11.04
C LEU B 124 13.94 2.93 -11.37
N TYR B 125 13.76 3.74 -10.34
CA TYR B 125 13.52 5.17 -10.50
C TYR B 125 14.87 5.84 -10.32
N GLU B 126 15.17 6.82 -11.15
CA GLU B 126 16.44 7.54 -11.04
C GLU B 126 16.18 9.03 -11.13
N GLY B 127 16.99 9.80 -10.40
CA GLY B 127 16.88 11.25 -10.42
C GLY B 127 18.26 11.82 -10.62
N ILE B 128 18.42 12.65 -11.64
CA ILE B 128 19.71 13.26 -11.94
C ILE B 128 19.48 14.76 -12.04
N PRO B 129 19.81 15.51 -10.98
CA PRO B 129 19.62 16.95 -10.99
C PRO B 129 20.21 17.60 -12.24
N GLY B 130 19.38 18.39 -12.93
CA GLY B 130 19.83 19.06 -14.13
C GLY B 130 19.60 18.27 -15.41
N LYS B 131 19.29 16.99 -15.27
CA LYS B 131 19.05 16.15 -16.44
C LYS B 131 17.59 15.72 -16.50
N GLY B 132 17.13 15.06 -15.44
CA GLY B 132 15.75 14.60 -15.40
C GLY B 132 15.61 13.40 -14.51
N SER B 133 14.38 12.88 -14.44
CA SER B 133 14.09 11.69 -13.65
C SER B 133 13.64 10.62 -14.62
N TYR B 134 13.88 9.36 -14.25
CA TYR B 134 13.59 8.25 -15.13
C TYR B 134 13.03 7.05 -14.40
N LEU B 135 12.28 6.23 -15.14
CA LEU B 135 11.73 4.99 -14.63
C LEU B 135 12.12 3.94 -15.67
N ASN B 136 12.97 3.02 -15.26
CA ASN B 136 13.46 1.98 -16.17
C ASN B 136 14.01 2.59 -17.46
N GLY B 137 14.76 3.67 -17.31
CA GLY B 137 15.38 4.33 -18.44
C GLY B 137 14.53 5.33 -19.21
N GLU B 138 13.24 5.36 -18.94
CA GLU B 138 12.33 6.28 -19.64
C GLU B 138 12.14 7.55 -18.82
N LYS B 139 12.26 8.71 -19.44
CA LYS B 139 12.08 9.96 -18.72
C LYS B 139 10.66 10.08 -18.21
N ILE B 140 10.51 10.52 -16.95
CA ILE B 140 9.20 10.69 -16.35
C ILE B 140 9.03 12.10 -15.81
N LYS B 141 7.78 12.51 -15.66
CA LYS B 141 7.45 13.81 -15.11
C LYS B 141 6.14 13.67 -14.37
N VAL B 142 5.89 14.58 -13.44
CA VAL B 142 4.65 14.54 -12.69
C VAL B 142 3.49 14.69 -13.67
N ARG B 143 2.31 14.15 -13.32
CA ARG B 143 1.17 14.26 -14.19
C ARG B 143 0.49 15.61 -14.01
N GLU B 144 -0.35 15.98 -14.97
CA GLU B 144 -1.08 17.23 -14.89
C GLU B 144 -2.07 16.99 -13.74
N LEU B 145 -2.36 18.03 -12.98
CA LEU B 145 -3.28 17.90 -11.85
C LEU B 145 -4.59 17.21 -12.20
N ALA B 146 -4.94 16.18 -11.45
CA ALA B 146 -6.18 15.45 -11.70
C ALA B 146 -7.36 16.27 -11.19
N GLU B 147 -8.47 16.24 -11.92
CA GLU B 147 -9.68 16.98 -11.54
C GLU B 147 -10.05 16.63 -10.10
N LYS B 148 -9.94 15.35 -9.77
CA LYS B 148 -10.22 14.85 -8.43
C LYS B 148 -8.88 14.27 -7.97
N PRO B 149 -8.06 15.10 -7.29
CA PRO B 149 -6.75 14.67 -6.81
C PRO B 149 -6.64 13.50 -5.84
N SER B 150 -5.53 12.80 -5.94
CA SER B 150 -5.21 11.65 -5.11
C SER B 150 -3.88 11.93 -4.45
N ILE B 151 -3.80 11.73 -3.14
CA ILE B 151 -2.55 12.01 -2.43
C ILE B 151 -2.14 10.97 -1.40
N SER B 152 -0.85 10.97 -1.09
CA SER B 152 -0.35 10.14 -0.01
C SER B 152 -0.42 11.10 1.17
N PHE B 153 -0.88 10.62 2.32
CA PHE B 153 -1.08 11.48 3.46
C PHE B 153 -0.67 10.85 4.78
N TYR B 154 0.28 11.50 5.44
CA TYR B 154 0.78 11.06 6.74
C TYR B 154 0.54 12.17 7.74
N THR B 155 -0.14 11.83 8.83
CA THR B 155 -0.46 12.83 9.82
C THR B 155 -0.64 12.19 11.18
N LYS B 156 -0.52 13.00 12.23
CA LYS B 156 -0.71 12.53 13.59
C LYS B 156 -2.07 13.03 14.05
N GLY B 157 -2.74 13.78 13.18
CA GLY B 157 -4.05 14.31 13.51
C GLY B 157 -4.39 15.59 12.78
N LYS B 158 -3.37 16.34 12.38
CA LYS B 158 -3.59 17.60 11.67
C LYS B 158 -4.02 17.37 10.23
N GLY B 159 -4.58 18.41 9.62
CA GLY B 159 -4.99 18.33 8.22
C GLY B 159 -6.34 17.76 7.86
N THR B 160 -7.29 17.74 8.77
CA THR B 160 -8.62 17.20 8.45
C THR B 160 -9.23 17.92 7.25
N LYS B 161 -9.00 19.22 7.16
CA LYS B 161 -9.52 20.03 6.06
C LYS B 161 -8.96 19.62 4.70
N ILE B 162 -7.88 18.85 4.70
CA ILE B 162 -7.28 18.39 3.47
C ILE B 162 -8.15 17.34 2.77
N ILE B 163 -8.78 16.48 3.57
CA ILE B 163 -9.61 15.40 3.05
C ILE B 163 -10.69 15.83 2.05
N ASP B 164 -11.41 16.90 2.35
CA ASP B 164 -12.46 17.35 1.44
C ASP B 164 -11.90 18.02 0.17
N LYS B 165 -10.59 18.24 0.15
CA LYS B 165 -9.95 18.87 -1.00
C LYS B 165 -9.49 17.83 -2.02
N VAL B 166 -9.52 16.57 -1.63
CA VAL B 166 -9.07 15.50 -2.51
C VAL B 166 -10.10 14.39 -2.67
N LYS B 167 -9.92 13.59 -3.71
CA LYS B 167 -10.83 12.49 -3.98
C LYS B 167 -10.48 11.28 -3.13
N ARG B 168 -9.19 11.07 -2.88
CA ARG B 168 -8.75 9.93 -2.10
C ARG B 168 -7.37 10.13 -1.52
N THR B 169 -7.09 9.38 -0.46
CA THR B 169 -5.77 9.41 0.16
C THR B 169 -5.24 7.99 0.26
N ARG B 170 -3.90 7.90 0.33
CA ARG B 170 -3.20 6.63 0.47
C ARG B 170 -2.15 6.86 1.54
N THR B 171 -1.83 5.81 2.27
CA THR B 171 -0.78 5.83 3.28
C THR B 171 -0.20 4.44 3.10
N LEU B 172 0.81 4.36 2.24
CA LEU B 172 1.34 3.05 1.84
C LEU B 172 2.47 2.45 2.67
N GLY B 173 3.15 3.27 3.46
CA GLY B 173 4.20 2.75 4.31
C GLY B 173 5.65 2.85 3.84
N ALA B 174 5.93 3.66 2.83
CA ALA B 174 7.31 3.83 2.36
C ALA B 174 7.36 5.17 1.65
N ILE B 175 7.61 6.22 2.44
CA ILE B 175 7.64 7.59 1.93
C ILE B 175 8.50 7.84 0.70
N ALA B 176 9.70 7.25 0.66
CA ALA B 176 10.56 7.46 -0.50
C ALA B 176 9.85 6.96 -1.75
N LEU B 177 9.24 5.79 -1.64
CA LEU B 177 8.52 5.20 -2.76
C LEU B 177 7.29 6.02 -3.13
N GLU B 178 6.59 6.57 -2.15
CA GLU B 178 5.43 7.38 -2.46
C GLU B 178 5.84 8.65 -3.21
N LEU B 179 7.01 9.20 -2.87
CA LEU B 179 7.52 10.37 -3.59
C LEU B 179 7.87 9.94 -5.03
N ALA B 180 8.37 8.72 -5.20
CA ALA B 180 8.67 8.22 -6.53
C ALA B 180 7.36 8.05 -7.33
N TYR B 181 6.30 7.67 -6.64
CA TYR B 181 4.99 7.51 -7.29
C TYR B 181 4.51 8.88 -7.79
N LEU B 182 4.74 9.92 -7.00
CA LEU B 182 4.39 11.28 -7.40
C LEU B 182 5.20 11.62 -8.66
N ALA B 183 6.47 11.27 -8.65
CA ALA B 183 7.35 11.55 -9.78
C ALA B 183 6.90 10.92 -11.09
N ARG B 184 6.29 9.74 -11.04
CA ARG B 184 5.86 9.09 -12.27
C ARG B 184 4.38 9.31 -12.59
N GLY B 185 3.72 10.17 -11.82
CA GLY B 185 2.32 10.49 -12.09
C GLY B 185 1.23 9.60 -11.53
N ALA B 186 1.50 8.86 -10.45
CA ALA B 186 0.51 7.98 -9.85
C ALA B 186 -0.27 8.67 -8.73
N LEU B 187 0.19 9.86 -8.34
CA LEU B 187 -0.42 10.66 -7.28
C LEU B 187 -0.23 12.13 -7.65
N ASP B 188 -1.04 13.00 -7.04
CA ASP B 188 -0.91 14.43 -7.29
C ASP B 188 -0.09 15.11 -6.19
N ALA B 189 -0.02 14.48 -5.02
CA ALA B 189 0.75 15.04 -3.92
C ALA B 189 1.09 14.00 -2.87
N VAL B 190 2.11 14.31 -2.08
CA VAL B 190 2.55 13.49 -0.97
C VAL B 190 2.69 14.50 0.16
N VAL B 191 1.98 14.23 1.25
CA VAL B 191 1.95 15.11 2.39
C VAL B 191 2.32 14.38 3.66
N ASP B 192 3.31 14.91 4.39
CA ASP B 192 3.69 14.32 5.66
C ASP B 192 3.85 15.45 6.66
N ILE B 193 2.91 15.51 7.61
CA ILE B 193 2.91 16.54 8.63
C ILE B 193 2.93 15.92 10.03
N ARG B 194 3.65 14.81 10.16
CA ARG B 194 3.77 14.10 11.44
C ARG B 194 4.90 14.66 12.30
N ASN B 195 5.73 15.52 11.72
CA ASN B 195 6.87 16.08 12.42
C ASN B 195 7.73 14.91 12.89
N TYR B 196 7.85 13.92 12.01
CA TYR B 196 8.61 12.70 12.31
C TYR B 196 9.78 12.46 11.35
N LEU B 197 9.62 12.84 10.09
CA LEU B 197 10.66 12.66 9.09
C LEU B 197 11.90 13.50 9.35
N ARG B 198 13.03 13.03 8.82
CA ARG B 198 14.30 13.73 8.91
C ARG B 198 14.69 13.97 7.46
N PRO B 199 15.55 14.96 7.19
CA PRO B 199 15.95 15.22 5.80
C PRO B 199 16.47 13.97 5.08
N THR B 200 17.17 13.12 5.82
CA THR B 200 17.71 11.90 5.24
C THR B 200 16.64 10.94 4.73
N ASP B 201 15.47 10.96 5.38
CA ASP B 201 14.38 10.07 4.98
C ASP B 201 13.75 10.47 3.65
N ILE B 202 13.88 11.73 3.28
CA ILE B 202 13.27 12.21 2.05
C ILE B 202 14.22 12.62 0.94
N ALA B 203 15.52 12.63 1.22
CA ALA B 203 16.48 13.07 0.21
C ALA B 203 16.32 12.46 -1.18
N ALA B 204 16.39 11.13 -1.28
CA ALA B 204 16.27 10.48 -2.58
C ALA B 204 14.92 10.75 -3.24
N GLY B 205 13.84 10.63 -2.46
CA GLY B 205 12.52 10.88 -3.02
C GLY B 205 12.36 12.29 -3.54
N VAL B 206 12.91 13.27 -2.83
CA VAL B 206 12.79 14.65 -3.26
C VAL B 206 13.65 14.92 -4.50
N VAL B 207 14.83 14.33 -4.57
CA VAL B 207 15.66 14.51 -5.75
C VAL B 207 14.88 14.05 -6.98
N ILE B 208 14.29 12.86 -6.89
CA ILE B 208 13.55 12.29 -8.01
C ILE B 208 12.26 13.05 -8.29
N ALA B 209 11.48 13.37 -7.26
CA ALA B 209 10.24 14.10 -7.49
C ALA B 209 10.50 15.50 -8.04
N ARG B 210 11.46 16.22 -7.45
CA ARG B 210 11.78 17.57 -7.92
C ARG B 210 12.24 17.57 -9.38
N GLU B 211 13.12 16.65 -9.74
CA GLU B 211 13.58 16.62 -11.11
C GLU B 211 12.48 16.20 -12.07
N ALA B 212 11.42 15.61 -11.54
CA ALA B 212 10.28 15.19 -12.37
C ALA B 212 9.29 16.34 -12.48
N GLY B 213 9.60 17.46 -11.83
CA GLY B 213 8.72 18.62 -11.90
C GLY B 213 7.88 18.91 -10.67
N ALA B 214 8.03 18.12 -9.61
CA ALA B 214 7.26 18.34 -8.41
C ALA B 214 7.74 19.56 -7.63
N ILE B 215 6.80 20.22 -6.97
CA ILE B 215 7.07 21.37 -6.12
C ILE B 215 7.10 20.76 -4.72
N VAL B 216 8.20 20.94 -4.01
CA VAL B 216 8.33 20.36 -2.67
C VAL B 216 8.66 21.46 -1.68
N LYS B 217 7.73 21.72 -0.77
CA LYS B 217 7.89 22.78 0.21
C LYS B 217 7.55 22.35 1.63
N ASP B 218 8.00 23.12 2.61
CA ASP B 218 7.68 22.83 3.99
C ASP B 218 6.37 23.56 4.31
N LEU B 219 5.93 23.48 5.55
CA LEU B 219 4.67 24.10 5.95
C LEU B 219 4.64 25.62 5.88
N ASP B 220 5.80 26.24 5.66
CA ASP B 220 5.89 27.70 5.55
C ASP B 220 5.94 28.13 4.10
N GLY B 221 5.86 27.17 3.18
CA GLY B 221 5.89 27.48 1.77
C GLY B 221 7.31 27.64 1.23
N LYS B 222 8.29 27.32 2.05
CA LYS B 222 9.69 27.41 1.65
C LYS B 222 10.12 26.11 0.94
N ASP B 223 10.81 26.25 -0.18
CA ASP B 223 11.27 25.09 -0.91
C ASP B 223 12.15 24.23 -0.02
N VAL B 224 11.93 22.92 -0.06
CA VAL B 224 12.70 22.00 0.74
C VAL B 224 14.13 21.92 0.23
N GLU B 225 15.09 22.02 1.14
CA GLU B 225 16.50 21.92 0.78
C GLU B 225 16.91 20.47 1.03
N ILE B 226 17.42 19.82 0.00
CA ILE B 226 17.84 18.43 0.09
C ILE B 226 19.18 18.33 0.82
N THR B 227 19.20 17.59 1.93
CA THR B 227 20.43 17.44 2.71
C THR B 227 20.53 16.05 3.32
N PHE B 228 21.69 15.76 3.93
CA PHE B 228 21.88 14.48 4.58
C PHE B 228 21.91 14.64 6.11
N SER B 229 21.25 15.69 6.58
CA SER B 229 21.17 15.95 8.01
C SER B 229 20.07 15.12 8.66
N ALA B 230 20.27 14.76 9.92
CA ALA B 230 19.30 13.97 10.66
C ALA B 230 19.14 14.57 12.06
N THR B 231 19.42 15.86 12.18
CA THR B 231 19.33 16.55 13.46
C THR B 231 18.01 17.30 13.65
N GLU B 232 17.19 17.33 12.61
CA GLU B 232 15.91 18.03 12.71
C GLU B 232 14.75 17.27 12.09
N LYS B 233 13.55 17.51 12.61
CA LYS B 233 12.34 16.88 12.11
C LYS B 233 11.76 17.82 11.05
N VAL B 234 11.20 17.25 10.00
CA VAL B 234 10.63 18.06 8.94
C VAL B 234 9.25 17.60 8.48
N ASN B 235 8.53 18.53 7.88
CA ASN B 235 7.20 18.28 7.35
C ASN B 235 7.24 18.74 5.92
N ILE B 236 6.57 18.02 5.02
CA ILE B 236 6.59 18.41 3.64
C ILE B 236 5.29 18.22 2.89
N ILE B 237 5.18 18.99 1.82
CA ILE B 237 4.09 18.87 0.87
C ILE B 237 4.79 18.87 -0.48
N ALA B 238 4.69 17.74 -1.18
CA ALA B 238 5.26 17.59 -2.50
C ALA B 238 4.05 17.47 -3.41
N ALA B 239 3.97 18.31 -4.44
CA ALA B 239 2.81 18.26 -5.32
C ALA B 239 3.14 18.55 -6.77
N ASN B 240 2.20 18.23 -7.66
CA ASN B 240 2.38 18.46 -9.09
C ASN B 240 1.74 19.77 -9.52
N ASN B 241 1.26 20.55 -8.56
CA ASN B 241 0.58 21.80 -8.88
C ASN B 241 0.67 22.76 -7.70
N GLU B 242 1.08 24.00 -7.98
CA GLU B 242 1.23 25.02 -6.94
C GLU B 242 -0.05 25.37 -6.19
N GLU B 243 -1.15 25.51 -6.94
CA GLU B 243 -2.41 25.83 -6.30
C GLU B 243 -2.87 24.73 -5.36
N LEU B 244 -2.68 23.49 -5.76
CA LEU B 244 -3.07 22.37 -4.89
C LEU B 244 -2.18 22.39 -3.65
N LEU B 245 -0.89 22.60 -3.84
CA LEU B 245 0.04 22.64 -2.72
C LEU B 245 -0.39 23.73 -1.74
N GLU B 246 -0.69 24.91 -2.27
CA GLU B 246 -1.09 26.03 -1.42
C GLU B 246 -2.40 25.74 -0.68
N THR B 247 -3.35 25.12 -1.35
CA THR B 247 -4.62 24.80 -0.70
C THR B 247 -4.38 23.82 0.44
N ILE B 248 -3.49 22.86 0.23
CA ILE B 248 -3.18 21.90 1.28
C ILE B 248 -2.53 22.65 2.44
N LEU B 249 -1.62 23.55 2.11
CA LEU B 249 -0.92 24.33 3.11
C LEU B 249 -1.90 25.17 3.95
N ARG B 250 -2.84 25.83 3.31
CA ARG B 250 -3.83 26.65 4.02
C ARG B 250 -4.78 25.78 4.83
N SER B 251 -4.83 24.49 4.53
CA SER B 251 -5.71 23.56 5.21
C SER B 251 -5.06 22.83 6.39
N ILE B 252 -3.85 23.24 6.77
CA ILE B 252 -3.14 22.62 7.88
C ILE B 252 -3.03 23.57 9.07
N GLU B 253 -3.36 23.08 10.26
CA GLU B 253 -3.30 23.91 11.47
C GLU B 253 -1.87 24.08 11.95
N LYS B 254 -1.66 25.10 12.79
CA LYS B 254 -0.34 25.40 13.36
C LYS B 254 0.74 25.58 12.31
C1 EDO C . -13.59 0.29 -1.89
O1 EDO C . -13.25 0.31 -3.27
C2 EDO C . -13.04 -0.98 -1.24
O2 EDO C . -11.61 -1.03 -1.36
C1 EDO D . -6.52 13.84 10.39
O1 EDO D . -7.11 13.85 11.70
C2 EDO D . -7.50 13.18 9.42
O2 EDO D . -7.75 11.84 9.84
C1 EDO E . 6.19 -23.20 0.09
O1 EDO E . 7.06 -22.08 0.30
C2 EDO E . 5.86 -23.83 1.45
O2 EDO E . 5.21 -22.86 2.27
C1 EDO F . 24.58 9.52 -13.04
O1 EDO F . 25.44 9.71 -11.91
C2 EDO F . 24.17 8.04 -13.10
O2 EDO F . 25.34 7.23 -13.23
C1 EDO G . 8.98 21.97 9.38
O1 EDO G . 9.61 21.22 8.34
C2 EDO G . 8.34 23.23 8.79
O2 EDO G . 7.36 22.85 7.81
C1 EDO H . 16.84 7.33 2.01
O1 EDO H . 15.46 7.25 1.65
C2 EDO H . 17.55 8.24 1.01
O2 EDO H . 16.96 9.54 1.06
C1 EDO I . 34.34 15.71 4.94
O1 EDO I . 35.47 15.18 4.26
C2 EDO I . 33.84 14.68 5.96
O2 EDO I . 34.90 14.39 6.90
#